data_4ZU9
#
_entry.id   4ZU9
#
_cell.length_a   114.240
_cell.length_b   114.240
_cell.length_c   204.632
_cell.angle_alpha   90.00
_cell.angle_beta   90.00
_cell.angle_gamma   90.00
#
_symmetry.space_group_name_H-M   'P 43 21 2'
#
loop_
_entity.id
_entity.type
_entity.pdbx_description
1 polymer 'Elongation factor SelB'
2 non-polymer 'PHOSPHOAMINOPHOSPHONIC ACID-GUANYLATE ESTER'
3 non-polymer 'MAGNESIUM ION'
4 non-polymer 'SULFATE ION'
5 non-polymer CYSTEINE
#
_entity_poly.entity_id   1
_entity_poly.type   'polypeptide(L)'
_entity_poly.pdbx_seq_one_letter_code
;(MSE)KYILFATAGHVDHGKTTLIKTLTGIDTDRLPEEKKRGLSIDIGFAYIDFPDINTRLEIIDVPGHERFIKNAIAGI
CSASGLILVVDPNEGI(MSE)PQTIEHLRVAKSFGIKHGIAVLTK(MSE)DKVDEELAHIAEEELIAFLEKEE(MSE)N
(MSE)EIVKVSAVTGQGIEDLKNSIKKLLESINNLNKHKPLRIFVDSAFVVKGYGTVLRGSCFEGEVKEGDKVVVEPIGV
ISRVRK(MSE)QNHGVFVKKAVAGERIALNLPEVDAKKVKRGFLILKPESYEKSNVLIVKTEIDLKPGKIYQVFFG
(MSE)RETVGKISVIDKGIYLVRLKENAIVRRGDKLVVLDSSGNFLGGAEVLHPKVRVTKKAFIKKNIKDLLENFECYLL
KERGPIGLKLEFFKRITGVSPKVANLKPESIEIRGVYYLKGFIENLKLKIKKFLDTELQNAFGVDKEKVKS(MSE)FSLN
EELLKYILDELKTYKIVNELIIDERKSDLEKNEDFQKL(MSE)SILKGGIKEEREIILEGIPKEILTLSIKRKYAHRIGE
YLIISDELLKKYINELKELGKTFNVQQAKNKLGLTRKYLIPLLEYLDYLGLTVREGNERRWKR
;
_entity_poly.pdbx_strand_id   A
#
loop_
_chem_comp.id
_chem_comp.type
_chem_comp.name
_chem_comp.formula
GNP non-polymer 'PHOSPHOAMINOPHOSPHONIC ACID-GUANYLATE ESTER' 'C10 H17 N6 O13 P3'
MG non-polymer 'MAGNESIUM ION' 'Mg 2'
SO4 non-polymer 'SULFATE ION' 'O4 S -2'
#
# COMPACT_ATOMS: atom_id res chain seq x y z
N MSE A 1 -1.57 -27.95 -9.87
CA MSE A 1 -2.17 -28.54 -8.69
C MSE A 1 -2.41 -27.52 -7.58
O MSE A 1 -1.95 -26.39 -7.65
CB MSE A 1 -1.31 -29.71 -8.17
CG MSE A 1 0.01 -29.35 -7.52
SE MSE A 1 0.93 -30.92 -6.81
CE MSE A 1 0.96 -32.00 -8.45
N LYS A 2 -3.14 -27.91 -6.54
CA LYS A 2 -3.47 -27.02 -5.45
C LYS A 2 -2.46 -27.18 -4.33
N TYR A 3 -2.19 -26.08 -3.64
CA TYR A 3 -1.21 -26.09 -2.57
C TYR A 3 -1.87 -25.57 -1.31
N ILE A 4 -1.65 -26.30 -0.22
CA ILE A 4 -2.20 -25.93 1.07
C ILE A 4 -1.12 -26.16 2.09
N LEU A 5 -0.98 -25.28 3.07
CA LEU A 5 -0.01 -25.51 4.13
C LEU A 5 -0.69 -25.84 5.44
N PHE A 6 -0.32 -26.97 6.04
CA PHE A 6 -0.73 -27.26 7.41
C PHE A 6 0.47 -27.26 8.38
N ALA A 7 0.20 -26.96 9.64
CA ALA A 7 1.22 -27.01 10.68
C ALA A 7 0.89 -28.16 11.60
N THR A 8 1.88 -28.69 12.29
CA THR A 8 1.55 -29.72 13.26
C THR A 8 1.83 -29.16 14.61
N ALA A 9 0.80 -29.11 15.44
CA ALA A 9 0.94 -28.67 16.81
C ALA A 9 0.93 -29.89 17.74
N GLY A 10 1.32 -29.70 18.99
CA GLY A 10 1.25 -30.78 19.94
C GLY A 10 2.24 -30.74 21.07
N HIS A 11 1.91 -31.43 22.17
CA HIS A 11 2.80 -31.42 23.31
C HIS A 11 4.05 -32.25 23.06
N VAL A 12 5.12 -31.94 23.78
CA VAL A 12 6.41 -32.52 23.48
C VAL A 12 6.45 -34.02 23.71
N ASP A 13 7.12 -34.71 22.79
CA ASP A 13 7.18 -36.18 22.73
C ASP A 13 5.81 -36.83 22.50
N HIS A 14 4.83 -36.09 22.01
CA HIS A 14 3.52 -36.68 21.76
C HIS A 14 3.40 -37.38 20.41
N GLY A 15 4.45 -37.36 19.61
CA GLY A 15 4.45 -38.18 18.41
C GLY A 15 4.34 -37.43 17.10
N LYS A 16 4.53 -36.10 17.16
CA LYS A 16 4.39 -35.21 15.99
C LYS A 16 5.20 -35.69 14.81
N THR A 17 6.52 -35.59 14.99
CA THR A 17 7.48 -35.87 13.94
C THR A 17 7.45 -37.29 13.42
N THR A 18 7.37 -38.25 14.34
CA THR A 18 7.24 -39.64 13.98
C THR A 18 6.05 -39.88 13.09
N LEU A 19 4.97 -39.15 13.34
CA LEU A 19 3.75 -39.31 12.57
C LEU A 19 4.04 -38.85 11.14
N ILE A 20 4.44 -37.59 10.97
CA ILE A 20 4.78 -37.07 9.65
C ILE A 20 5.77 -37.92 8.83
N LYS A 21 6.83 -38.38 9.48
CA LYS A 21 7.72 -39.33 8.83
C LYS A 21 6.94 -40.52 8.24
N THR A 22 5.80 -40.86 8.81
CA THR A 22 5.04 -42.04 8.38
C THR A 22 3.93 -41.65 7.40
N LEU A 23 3.44 -40.44 7.58
CA LEU A 23 2.40 -39.94 6.72
C LEU A 23 3.08 -39.55 5.40
N THR A 24 4.08 -38.68 5.49
CA THR A 24 4.72 -38.10 4.31
C THR A 24 5.79 -39.01 3.71
N GLY A 25 6.48 -39.77 4.54
CA GLY A 25 7.63 -40.54 4.10
C GLY A 25 8.89 -39.70 4.22
N ILE A 26 8.79 -38.60 4.96
CA ILE A 26 9.86 -37.63 5.09
C ILE A 26 10.28 -37.38 6.54
N ASP A 27 11.53 -37.66 6.89
CA ASP A 27 12.03 -37.33 8.21
C ASP A 27 12.04 -35.84 8.44
N THR A 28 11.14 -35.36 9.28
CA THR A 28 11.07 -33.94 9.53
C THR A 28 12.33 -33.44 10.17
N ASP A 29 12.74 -34.03 11.27
CA ASP A 29 14.06 -33.69 11.70
C ASP A 29 15.01 -34.72 11.10
N ARG A 30 15.95 -34.18 10.32
CA ARG A 30 16.91 -34.92 9.51
C ARG A 30 18.29 -34.48 9.96
N LEU A 31 18.28 -33.48 10.84
CA LEU A 31 19.47 -33.01 11.55
C LEU A 31 19.76 -33.96 12.71
N PRO A 32 20.99 -34.52 12.76
CA PRO A 32 21.43 -35.56 13.71
C PRO A 32 21.05 -35.31 15.16
N GLU A 33 21.26 -34.09 15.65
CA GLU A 33 20.99 -33.74 17.05
C GLU A 33 19.64 -34.21 17.52
N GLU A 34 18.74 -34.43 16.56
CA GLU A 34 17.46 -35.08 16.83
C GLU A 34 17.64 -36.54 17.12
N LYS A 35 18.12 -37.26 16.11
CA LYS A 35 18.13 -38.72 16.14
C LYS A 35 18.83 -39.33 17.36
N LYS A 36 19.86 -38.67 17.89
CA LYS A 36 20.48 -39.13 19.13
C LYS A 36 19.56 -38.83 20.34
N ARG A 37 19.00 -37.63 20.39
CA ARG A 37 18.07 -37.26 21.45
C ARG A 37 16.69 -37.91 21.23
N GLY A 38 16.10 -37.65 20.08
CA GLY A 38 14.75 -38.10 19.76
C GLY A 38 13.77 -36.96 19.80
N LEU A 39 14.25 -35.74 19.55
CA LEU A 39 13.43 -34.54 19.69
C LEU A 39 13.63 -33.52 18.57
N SER A 40 12.57 -32.89 18.12
CA SER A 40 12.75 -31.89 17.09
C SER A 40 13.07 -30.53 17.70
N ILE A 41 14.04 -29.87 17.06
CA ILE A 41 14.77 -28.71 17.56
C ILE A 41 14.23 -27.39 17.03
N ASP A 42 13.71 -27.46 15.82
CA ASP A 42 13.18 -26.30 15.13
C ASP A 42 12.20 -26.75 14.05
N ILE A 43 11.57 -25.76 13.41
CA ILE A 43 10.66 -25.89 12.29
C ILE A 43 11.17 -26.82 11.18
N GLY A 44 10.37 -27.82 10.83
CA GLY A 44 10.77 -28.81 9.84
C GLY A 44 9.72 -28.91 8.75
N PHE A 45 10.05 -29.52 7.62
CA PHE A 45 9.14 -29.51 6.48
C PHE A 45 8.97 -30.85 5.80
N ALA A 46 7.73 -31.11 5.38
CA ALA A 46 7.45 -32.28 4.57
C ALA A 46 6.24 -31.97 3.70
N TYR A 47 5.79 -32.96 2.94
CA TYR A 47 4.60 -32.77 2.15
C TYR A 47 3.92 -34.12 1.78
N ILE A 48 2.59 -34.10 1.69
CA ILE A 48 1.80 -35.21 1.15
C ILE A 48 1.11 -34.76 -0.11
N ASP A 49 1.04 -35.67 -1.08
CA ASP A 49 0.36 -35.36 -2.32
C ASP A 49 -0.94 -36.13 -2.39
N PHE A 50 -2.02 -35.45 -2.75
CA PHE A 50 -3.30 -36.12 -2.98
C PHE A 50 -3.73 -36.01 -4.45
N PRO A 51 -3.29 -36.99 -5.26
CA PRO A 51 -3.53 -37.08 -6.68
C PRO A 51 -4.99 -36.95 -7.06
N ASP A 52 -5.90 -37.48 -6.25
CA ASP A 52 -7.31 -37.50 -6.63
C ASP A 52 -7.92 -36.12 -6.57
N ILE A 53 -7.41 -35.30 -5.67
CA ILE A 53 -7.84 -33.92 -5.61
C ILE A 53 -6.76 -32.97 -6.17
N ASN A 54 -5.64 -33.54 -6.63
CA ASN A 54 -4.55 -32.77 -7.23
C ASN A 54 -4.10 -31.68 -6.30
N THR A 55 -3.72 -32.07 -5.09
CA THR A 55 -3.38 -31.11 -4.06
C THR A 55 -2.11 -31.49 -3.35
N ARG A 56 -1.17 -30.56 -3.26
CA ARG A 56 -0.02 -30.82 -2.42
C ARG A 56 -0.22 -30.16 -1.07
N LEU A 57 -0.31 -31.02 -0.05
CA LEU A 57 -0.34 -30.57 1.34
C LEU A 57 1.08 -30.29 1.82
N GLU A 58 1.36 -29.00 2.00
CA GLU A 58 2.63 -28.57 2.53
C GLU A 58 2.54 -28.62 4.06
N ILE A 59 3.46 -29.33 4.71
CA ILE A 59 3.42 -29.53 6.16
C ILE A 59 4.62 -28.97 6.93
N ILE A 60 4.38 -28.10 7.90
CA ILE A 60 5.44 -27.65 8.80
C ILE A 60 5.32 -28.34 10.15
N ASP A 61 6.25 -29.24 10.47
CA ASP A 61 6.24 -29.90 11.76
C ASP A 61 6.90 -29.01 12.79
N VAL A 62 6.24 -28.84 13.91
CA VAL A 62 6.68 -27.88 14.89
C VAL A 62 7.37 -28.55 16.10
N PRO A 63 8.25 -27.81 16.79
CA PRO A 63 8.84 -28.42 17.98
C PRO A 63 7.94 -28.26 19.21
N GLY A 64 7.91 -29.36 19.97
CA GLY A 64 7.15 -29.49 21.18
C GLY A 64 7.53 -28.57 22.30
N HIS A 65 8.72 -28.77 22.88
CA HIS A 65 9.08 -28.15 24.16
C HIS A 65 8.72 -26.67 24.19
N GLU A 66 8.35 -26.20 25.37
CA GLU A 66 7.99 -24.83 25.56
C GLU A 66 9.14 -23.87 25.29
N ARG A 67 10.37 -24.34 25.49
CA ARG A 67 11.59 -23.57 25.20
C ARG A 67 11.65 -23.18 23.73
N PHE A 68 10.89 -23.89 22.92
CA PHE A 68 10.91 -23.70 21.49
C PHE A 68 9.70 -22.98 20.90
N ILE A 69 8.79 -22.42 21.69
CA ILE A 69 7.58 -21.90 21.03
C ILE A 69 7.82 -20.72 20.12
N LYS A 70 8.90 -19.98 20.35
CA LYS A 70 9.20 -18.88 19.45
C LYS A 70 9.27 -19.50 18.04
N ASN A 71 9.97 -20.64 17.91
CA ASN A 71 9.94 -21.44 16.69
C ASN A 71 8.54 -21.84 16.27
N ALA A 72 7.85 -22.49 17.19
CA ALA A 72 6.50 -22.99 17.00
C ALA A 72 5.57 -21.94 16.42
N ILE A 73 5.50 -20.78 17.06
CA ILE A 73 4.62 -19.70 16.63
C ILE A 73 4.92 -19.35 15.20
N ALA A 74 6.19 -19.45 14.80
CA ALA A 74 6.60 -19.09 13.45
C ALA A 74 6.03 -20.05 12.42
N GLY A 75 6.24 -21.35 12.65
CA GLY A 75 5.73 -22.40 11.77
C GLY A 75 4.23 -22.29 11.50
N ILE A 76 3.48 -22.15 12.59
CA ILE A 76 2.02 -22.04 12.58
C ILE A 76 1.47 -20.75 11.94
N CYS A 77 2.16 -19.64 12.09
CA CYS A 77 1.79 -18.35 11.49
C CYS A 77 1.00 -18.42 10.17
N SER A 78 1.54 -19.18 9.23
CA SER A 78 1.16 -19.10 7.81
C SER A 78 0.32 -20.27 7.33
N ALA A 79 -0.09 -21.12 8.27
CA ALA A 79 -0.81 -22.34 7.93
C ALA A 79 -2.29 -22.06 7.77
N SER A 80 -2.99 -22.99 7.13
CA SER A 80 -4.41 -22.89 6.86
C SER A 80 -5.13 -23.86 7.75
N GLY A 81 -4.36 -24.71 8.39
CA GLY A 81 -4.91 -25.82 9.12
C GLY A 81 -3.86 -26.46 9.98
N LEU A 82 -4.35 -27.06 11.05
CA LEU A 82 -3.52 -27.56 12.10
C LEU A 82 -3.61 -29.07 12.15
N ILE A 83 -2.49 -29.76 12.26
CA ILE A 83 -2.54 -31.18 12.59
C ILE A 83 -2.16 -31.34 14.06
N LEU A 84 -3.17 -31.31 14.93
CA LEU A 84 -2.96 -31.36 16.36
C LEU A 84 -2.74 -32.81 16.85
N VAL A 85 -1.67 -33.02 17.59
CA VAL A 85 -1.28 -34.34 18.04
C VAL A 85 -1.38 -34.50 19.56
N VAL A 86 -2.16 -35.50 19.99
CA VAL A 86 -2.29 -35.81 21.41
C VAL A 86 -1.92 -37.25 21.71
N ASP A 87 -1.01 -37.43 22.66
CA ASP A 87 -0.74 -38.75 23.22
C ASP A 87 -1.82 -39.06 24.26
N PRO A 88 -2.55 -40.16 24.05
CA PRO A 88 -3.58 -40.61 25.00
C PRO A 88 -2.99 -40.82 26.37
N ASN A 89 -1.85 -41.48 26.39
CA ASN A 89 -1.19 -41.79 27.63
C ASN A 89 -0.90 -40.55 28.45
N GLU A 90 -0.81 -39.40 27.80
CA GLU A 90 -0.54 -38.16 28.52
C GLU A 90 -1.78 -37.29 28.58
N GLY A 91 -2.67 -37.48 27.63
CA GLY A 91 -3.89 -36.68 27.59
C GLY A 91 -3.58 -35.33 27.01
N ILE A 92 -4.16 -34.28 27.57
CA ILE A 92 -4.03 -32.95 27.01
C ILE A 92 -3.14 -32.06 27.85
N MSE A 93 -1.98 -31.73 27.28
CA MSE A 93 -0.93 -31.03 28.00
C MSE A 93 -0.82 -29.57 27.56
O MSE A 93 -1.33 -29.21 26.52
CB MSE A 93 0.36 -31.79 27.78
CG MSE A 93 0.29 -33.25 28.16
SE MSE A 93 0.55 -33.52 30.04
CE MSE A 93 -1.28 -33.31 30.64
N PRO A 94 -0.14 -28.74 28.36
CA PRO A 94 -0.14 -27.29 28.07
C PRO A 94 0.48 -26.86 26.75
N GLN A 95 1.37 -27.64 26.12
CA GLN A 95 1.82 -27.33 24.75
C GLN A 95 0.72 -27.71 23.75
N THR A 96 -0.05 -28.76 24.08
CA THR A 96 -1.26 -29.10 23.34
C THR A 96 -2.22 -27.90 23.36
N ILE A 97 -2.37 -27.30 24.54
CA ILE A 97 -3.24 -26.15 24.71
C ILE A 97 -2.66 -24.91 24.08
N GLU A 98 -1.38 -24.68 24.29
CA GLU A 98 -0.77 -23.44 23.81
C GLU A 98 -0.79 -23.38 22.30
N HIS A 99 -0.31 -24.46 21.66
CA HIS A 99 -0.27 -24.48 20.21
C HIS A 99 -1.64 -24.28 19.57
N LEU A 100 -2.66 -24.92 20.13
CA LEU A 100 -4.00 -24.78 19.58
C LEU A 100 -4.49 -23.33 19.70
N ARG A 101 -4.36 -22.75 20.89
CA ARG A 101 -4.72 -21.36 21.11
C ARG A 101 -3.97 -20.45 20.14
N VAL A 102 -2.68 -20.74 19.96
CA VAL A 102 -1.81 -19.96 19.10
C VAL A 102 -2.36 -19.98 17.71
N ALA A 103 -2.67 -21.19 17.24
CA ALA A 103 -3.23 -21.41 15.92
C ALA A 103 -4.54 -20.65 15.76
N LYS A 104 -5.35 -20.70 16.81
CA LYS A 104 -6.60 -19.96 16.85
C LYS A 104 -6.35 -18.47 16.73
N SER A 105 -5.32 -17.98 17.40
CA SER A 105 -5.02 -16.55 17.42
C SER A 105 -4.61 -16.09 16.05
N PHE A 106 -3.93 -16.99 15.33
CA PHE A 106 -3.49 -16.70 13.99
C PHE A 106 -4.62 -16.86 13.00
N GLY A 107 -5.78 -17.24 13.49
CA GLY A 107 -6.96 -17.27 12.66
C GLY A 107 -7.21 -18.57 11.95
N ILE A 108 -6.50 -19.63 12.36
CA ILE A 108 -6.72 -20.95 11.76
C ILE A 108 -8.04 -21.56 12.20
N LYS A 109 -8.79 -22.08 11.22
CA LYS A 109 -10.15 -22.57 11.46
C LYS A 109 -10.29 -24.08 11.27
N HIS A 110 -9.34 -24.69 10.58
CA HIS A 110 -9.47 -26.08 10.13
C HIS A 110 -8.43 -26.98 10.73
N GLY A 111 -8.75 -28.27 10.86
CA GLY A 111 -7.80 -29.21 11.44
C GLY A 111 -8.27 -30.64 11.66
N ILE A 112 -7.29 -31.52 11.84
CA ILE A 112 -7.48 -32.90 12.27
C ILE A 112 -6.75 -33.10 13.58
N ALA A 113 -7.47 -33.53 14.60
CA ALA A 113 -6.84 -33.93 15.86
C ALA A 113 -6.42 -35.37 15.75
N VAL A 114 -5.18 -35.64 16.08
CA VAL A 114 -4.69 -37.01 16.01
C VAL A 114 -4.42 -37.57 17.40
N LEU A 115 -5.10 -38.64 17.75
CA LEU A 115 -4.70 -39.43 18.88
C LEU A 115 -3.69 -40.41 18.35
N THR A 116 -2.47 -40.32 18.85
CA THR A 116 -1.34 -41.08 18.32
C THR A 116 -0.93 -42.24 19.22
N LYS A 117 -0.05 -43.09 18.73
CA LYS A 117 0.53 -44.15 19.55
C LYS A 117 -0.52 -45.13 20.03
N MSE A 118 -1.47 -45.44 19.16
CA MSE A 118 -2.55 -46.36 19.50
C MSE A 118 -2.02 -47.74 19.78
O MSE A 118 -2.67 -48.55 20.45
CB MSE A 118 -3.59 -46.42 18.38
CG MSE A 118 -4.48 -45.20 18.36
SE MSE A 118 -5.45 -45.02 20.00
CE MSE A 118 -6.65 -46.49 19.63
N ASP A 119 -0.83 -48.03 19.26
CA ASP A 119 -0.17 -49.28 19.54
C ASP A 119 0.23 -49.39 21.02
N LYS A 120 0.43 -48.26 21.68
CA LYS A 120 0.93 -48.22 23.07
C LYS A 120 -0.20 -47.98 24.09
N VAL A 121 -1.46 -48.06 23.63
CA VAL A 121 -2.64 -47.69 24.45
C VAL A 121 -3.75 -48.72 24.33
N ASP A 122 -4.32 -49.15 25.45
CA ASP A 122 -5.44 -50.08 25.39
C ASP A 122 -6.74 -49.36 25.06
N GLU A 123 -7.69 -50.10 24.51
CA GLU A 123 -8.88 -49.53 23.90
C GLU A 123 -9.60 -48.53 24.78
N GLU A 124 -9.54 -48.74 26.09
CA GLU A 124 -10.30 -47.93 27.03
C GLU A 124 -9.73 -46.55 27.17
N LEU A 125 -8.47 -46.50 27.55
CA LEU A 125 -7.77 -45.24 27.69
C LEU A 125 -7.85 -44.46 26.41
N ALA A 126 -7.72 -45.18 25.29
CA ALA A 126 -7.98 -44.64 23.95
C ALA A 126 -9.26 -43.84 23.91
N HIS A 127 -10.29 -44.46 24.44
CA HIS A 127 -11.63 -43.93 24.45
C HIS A 127 -11.83 -42.74 25.37
N ILE A 128 -11.32 -42.84 26.59
CA ILE A 128 -11.45 -41.73 27.53
C ILE A 128 -10.65 -40.57 27.02
N ALA A 129 -9.45 -40.86 26.49
CA ALA A 129 -8.61 -39.83 25.88
C ALA A 129 -9.36 -39.11 24.78
N GLU A 130 -10.01 -39.86 23.89
CA GLU A 130 -10.81 -39.24 22.84
C GLU A 130 -11.88 -38.34 23.45
N GLU A 131 -12.60 -38.83 24.44
CA GLU A 131 -13.66 -38.05 25.08
C GLU A 131 -13.13 -36.73 25.61
N GLU A 132 -12.06 -36.83 26.40
CA GLU A 132 -11.33 -35.70 26.92
C GLU A 132 -11.09 -34.68 25.82
N LEU A 133 -10.63 -35.22 24.69
CA LEU A 133 -10.18 -34.43 23.57
C LEU A 133 -11.33 -33.71 22.93
N ILE A 134 -12.43 -34.43 22.73
CA ILE A 134 -13.65 -33.85 22.17
C ILE A 134 -14.15 -32.69 22.99
N ALA A 135 -14.28 -32.94 24.28
CA ALA A 135 -14.63 -31.90 25.24
C ALA A 135 -13.75 -30.71 25.02
N PHE A 136 -12.45 -30.94 25.04
CA PHE A 136 -11.44 -29.92 24.85
C PHE A 136 -11.68 -29.09 23.62
N LEU A 137 -11.86 -29.77 22.50
CA LEU A 137 -11.91 -29.10 21.22
C LEU A 137 -13.13 -28.22 21.06
N GLU A 138 -14.26 -28.61 21.63
CA GLU A 138 -15.40 -27.71 21.54
C GLU A 138 -15.27 -26.63 22.59
N LYS A 139 -14.63 -26.94 23.71
CA LYS A 139 -14.37 -25.93 24.74
C LYS A 139 -13.55 -24.78 24.15
N GLU A 140 -12.68 -25.12 23.21
CA GLU A 140 -11.83 -24.13 22.56
C GLU A 140 -12.42 -23.65 21.26
N GLU A 141 -13.67 -24.02 21.01
CA GLU A 141 -14.33 -23.69 19.76
C GLU A 141 -13.46 -24.01 18.56
N MSE A 142 -12.92 -25.21 18.52
CA MSE A 142 -12.03 -25.64 17.44
C MSE A 142 -12.33 -27.05 17.04
O MSE A 142 -11.47 -27.92 17.21
CB MSE A 142 -10.55 -25.57 17.85
CG MSE A 142 -9.99 -24.18 18.03
SE MSE A 142 -9.60 -23.25 16.38
CE MSE A 142 -8.23 -24.43 15.70
N ASN A 143 -13.51 -27.30 16.52
CA ASN A 143 -13.88 -28.68 16.28
C ASN A 143 -13.10 -29.28 15.14
N MSE A 144 -12.60 -30.48 15.38
CA MSE A 144 -11.74 -31.17 14.43
C MSE A 144 -12.08 -32.62 14.37
O MSE A 144 -12.27 -33.25 15.40
CB MSE A 144 -10.28 -31.04 14.83
CG MSE A 144 -9.76 -29.65 14.87
SE MSE A 144 -7.90 -29.74 15.27
CE MSE A 144 -7.61 -27.85 15.40
N GLU A 145 -12.13 -33.19 13.17
CA GLU A 145 -12.35 -34.62 13.10
C GLU A 145 -11.19 -35.25 13.87
N ILE A 146 -11.48 -36.22 14.74
CA ILE A 146 -10.43 -36.89 15.46
C ILE A 146 -10.14 -38.23 14.83
N VAL A 147 -8.88 -38.47 14.47
CA VAL A 147 -8.46 -39.74 13.91
C VAL A 147 -7.56 -40.46 14.88
N LYS A 148 -7.74 -41.77 15.02
CA LYS A 148 -6.86 -42.50 15.92
C LYS A 148 -5.87 -43.27 15.10
N VAL A 149 -4.58 -43.01 15.32
CA VAL A 149 -3.54 -43.63 14.52
C VAL A 149 -2.39 -44.17 15.34
N SER A 150 -1.66 -45.08 14.71
CA SER A 150 -0.39 -45.55 15.25
C SER A 150 0.69 -45.36 14.20
N ALA A 151 1.47 -44.30 14.34
CA ALA A 151 2.54 -44.00 13.38
C ALA A 151 3.39 -45.24 13.11
N VAL A 152 3.50 -46.09 14.12
CA VAL A 152 4.30 -47.31 14.07
C VAL A 152 3.60 -48.54 13.42
N THR A 153 2.50 -49.02 14.00
CA THR A 153 1.65 -50.03 13.34
C THR A 153 1.31 -49.66 11.90
N GLY A 154 1.11 -48.36 11.67
CA GLY A 154 0.55 -47.88 10.42
C GLY A 154 -0.95 -47.83 10.51
N GLN A 155 -1.46 -48.06 11.72
CA GLN A 155 -2.89 -48.22 11.95
C GLN A 155 -3.68 -46.94 11.63
N GLY A 156 -4.69 -47.14 10.77
CA GLY A 156 -5.49 -46.06 10.23
C GLY A 156 -4.74 -44.79 9.90
N ILE A 157 -3.45 -44.88 9.61
CA ILE A 157 -2.73 -43.75 9.01
C ILE A 157 -3.47 -43.45 7.70
N GLU A 158 -3.93 -44.51 7.05
CA GLU A 158 -4.80 -44.40 5.90
C GLU A 158 -6.01 -43.54 6.20
N ASP A 159 -6.72 -43.90 7.27
CA ASP A 159 -7.95 -43.22 7.62
C ASP A 159 -7.65 -41.78 8.03
N LEU A 160 -6.38 -41.49 8.33
CA LEU A 160 -5.95 -40.10 8.50
C LEU A 160 -5.76 -39.44 7.15
N LYS A 161 -5.17 -40.15 6.20
CA LYS A 161 -4.97 -39.58 4.87
C LYS A 161 -6.33 -39.24 4.28
N ASN A 162 -7.31 -40.02 4.70
CA ASN A 162 -8.68 -39.87 4.27
C ASN A 162 -9.30 -38.56 4.71
N SER A 163 -9.13 -38.30 6.00
CA SER A 163 -9.78 -37.19 6.67
C SER A 163 -9.15 -35.89 6.23
N ILE A 164 -7.82 -35.90 6.11
CA ILE A 164 -7.10 -34.76 5.57
C ILE A 164 -7.63 -34.41 4.20
N LYS A 165 -7.69 -35.42 3.33
CA LYS A 165 -8.14 -35.18 1.97
C LYS A 165 -9.52 -34.57 1.98
N LYS A 166 -10.40 -35.10 2.83
CA LYS A 166 -11.77 -34.61 2.91
C LYS A 166 -11.78 -33.13 3.25
N LEU A 167 -10.85 -32.75 4.12
CA LEU A 167 -10.77 -31.43 4.70
C LEU A 167 -10.23 -30.43 3.71
N LEU A 168 -9.17 -30.82 3.00
CA LEU A 168 -8.54 -29.97 1.99
C LEU A 168 -9.56 -29.56 0.96
N GLU A 169 -10.44 -30.48 0.61
CA GLU A 169 -11.38 -30.25 -0.45
C GLU A 169 -12.35 -29.16 -0.02
N SER A 170 -12.35 -28.84 1.28
CA SER A 170 -13.31 -27.93 1.87
C SER A 170 -12.72 -26.57 2.10
N ILE A 171 -11.72 -26.22 1.30
CA ILE A 171 -10.90 -25.06 1.58
C ILE A 171 -10.69 -24.35 0.24
N ASN A 172 -10.59 -23.02 0.25
CA ASN A 172 -10.63 -22.30 -1.02
C ASN A 172 -9.42 -21.44 -1.38
N ASN A 173 -8.52 -21.19 -0.44
CA ASN A 173 -7.28 -20.49 -0.77
C ASN A 173 -7.57 -19.13 -1.42
N LEU A 174 -8.14 -18.21 -0.65
CA LEU A 174 -8.37 -16.85 -1.12
C LEU A 174 -7.07 -16.14 -1.49
N ASN A 175 -6.00 -16.53 -0.82
CA ASN A 175 -4.75 -15.83 -0.94
C ASN A 175 -4.11 -15.87 -2.32
N LYS A 176 -4.49 -16.85 -3.14
CA LYS A 176 -3.92 -17.02 -4.46
C LYS A 176 -3.94 -15.71 -5.23
N HIS A 177 -4.87 -14.82 -4.88
CA HIS A 177 -5.13 -13.61 -5.66
C HIS A 177 -4.84 -12.32 -4.90
N LYS A 178 -4.28 -12.45 -3.70
CA LYS A 178 -3.80 -11.29 -2.97
C LYS A 178 -2.44 -10.90 -3.55
N PRO A 179 -1.91 -9.72 -3.20
CA PRO A 179 -0.56 -9.38 -3.69
C PRO A 179 0.51 -10.30 -3.09
N LEU A 180 1.53 -10.67 -3.87
CA LEU A 180 2.52 -11.63 -3.39
C LEU A 180 3.10 -11.27 -2.04
N ARG A 181 3.09 -12.22 -1.14
CA ARG A 181 3.77 -12.07 0.13
C ARG A 181 4.29 -13.44 0.57
N ILE A 182 5.59 -13.53 0.78
CA ILE A 182 6.26 -14.76 1.15
C ILE A 182 7.04 -14.58 2.44
N PHE A 183 6.83 -15.45 3.42
CA PHE A 183 7.64 -15.39 4.63
C PHE A 183 8.87 -16.24 4.47
N VAL A 184 10.01 -15.72 4.93
CA VAL A 184 11.28 -16.36 4.65
C VAL A 184 11.71 -17.14 5.86
N ASP A 185 11.92 -18.45 5.68
CA ASP A 185 12.30 -19.33 6.78
C ASP A 185 13.78 -19.55 6.81
N SER A 186 14.38 -19.41 5.65
CA SER A 186 15.81 -19.58 5.54
C SER A 186 16.35 -18.82 4.35
N ALA A 187 17.65 -18.63 4.37
CA ALA A 187 18.37 -18.11 3.24
C ALA A 187 19.70 -18.85 3.24
N PHE A 188 20.22 -19.11 2.05
CA PHE A 188 21.49 -19.79 1.88
C PHE A 188 22.04 -19.55 0.49
N VAL A 189 23.25 -20.05 0.25
CA VAL A 189 23.89 -19.84 -1.02
C VAL A 189 24.19 -21.17 -1.68
N VAL A 190 23.84 -21.28 -2.95
CA VAL A 190 24.06 -22.48 -3.74
C VAL A 190 25.08 -22.24 -4.83
N LYS A 191 26.08 -23.11 -4.94
CA LYS A 191 27.10 -22.95 -5.96
C LYS A 191 26.49 -22.91 -7.35
N GLY A 192 26.85 -21.89 -8.12
CA GLY A 192 26.43 -21.77 -9.50
C GLY A 192 25.11 -21.03 -9.67
N TYR A 193 24.43 -20.78 -8.55
CA TYR A 193 23.15 -20.12 -8.57
C TYR A 193 23.16 -18.82 -7.78
N GLY A 194 23.77 -18.85 -6.60
CA GLY A 194 23.91 -17.64 -5.80
C GLY A 194 23.14 -17.71 -4.52
N THR A 195 22.66 -16.58 -4.05
CA THR A 195 21.77 -16.59 -2.90
C THR A 195 20.40 -17.19 -3.21
N VAL A 196 19.97 -18.09 -2.33
CA VAL A 196 18.62 -18.61 -2.38
C VAL A 196 17.89 -18.29 -1.10
N LEU A 197 16.63 -17.87 -1.22
CA LEU A 197 15.78 -17.71 -0.05
C LEU A 197 14.70 -18.78 -0.09
N ARG A 198 14.51 -19.46 1.03
CA ARG A 198 13.46 -20.45 1.09
C ARG A 198 12.37 -19.89 1.97
N GLY A 199 11.13 -20.20 1.65
CA GLY A 199 10.07 -19.59 2.41
C GLY A 199 8.68 -20.03 2.06
N SER A 200 7.77 -19.67 2.96
CA SER A 200 6.37 -20.01 2.90
C SER A 200 5.63 -18.94 2.11
N CYS A 201 5.22 -19.25 0.89
CA CYS A 201 4.42 -18.29 0.13
C CYS A 201 3.02 -18.15 0.73
N PHE A 202 2.74 -16.97 1.26
CA PHE A 202 1.56 -16.77 2.09
C PHE A 202 0.37 -16.25 1.31
N GLU A 203 0.59 -15.14 0.60
CA GLU A 203 -0.42 -14.59 -0.29
C GLU A 203 0.21 -14.48 -1.66
N GLY A 204 -0.62 -14.45 -2.68
CA GLY A 204 -0.16 -14.19 -4.04
C GLY A 204 0.39 -15.36 -4.84
N GLU A 205 0.87 -15.06 -6.03
CA GLU A 205 1.69 -16.02 -6.74
C GLU A 205 2.86 -15.27 -7.35
N VAL A 206 3.95 -15.96 -7.63
CA VAL A 206 5.14 -15.35 -8.22
C VAL A 206 5.69 -16.26 -9.31
N LYS A 207 6.12 -15.68 -10.44
CA LYS A 207 6.70 -16.44 -11.54
C LYS A 207 8.21 -16.23 -11.62
N GLU A 208 8.89 -17.14 -12.32
CA GLU A 208 10.29 -16.95 -12.63
C GLU A 208 10.42 -15.74 -13.55
N GLY A 209 11.27 -14.81 -13.16
CA GLY A 209 11.47 -13.65 -13.98
C GLY A 209 10.69 -12.47 -13.47
N ASP A 210 10.04 -12.65 -12.34
CA ASP A 210 9.35 -11.53 -11.73
C ASP A 210 10.34 -10.78 -10.86
N LYS A 211 10.27 -9.46 -10.86
CA LYS A 211 11.02 -8.71 -9.86
C LYS A 211 10.27 -8.70 -8.54
N VAL A 212 10.99 -8.95 -7.45
CA VAL A 212 10.40 -8.99 -6.13
C VAL A 212 11.26 -8.15 -5.20
N VAL A 213 10.76 -7.87 -4.00
CA VAL A 213 11.56 -7.15 -3.03
C VAL A 213 11.73 -7.92 -1.77
N VAL A 214 12.97 -8.07 -1.30
CA VAL A 214 13.22 -8.59 0.04
C VAL A 214 13.22 -7.39 1.01
N GLU A 215 12.31 -7.35 1.99
CA GLU A 215 11.88 -6.03 2.47
C GLU A 215 12.30 -5.55 3.84
N PRO A 216 12.83 -6.43 4.70
CA PRO A 216 13.55 -5.63 5.71
C PRO A 216 14.63 -4.83 4.97
N ILE A 217 15.49 -5.49 4.18
CA ILE A 217 16.64 -4.83 3.58
C ILE A 217 16.33 -4.02 2.31
N GLY A 218 15.26 -4.35 1.62
CA GLY A 218 14.83 -3.55 0.49
C GLY A 218 15.51 -3.79 -0.85
N VAL A 219 16.23 -4.88 -0.97
CA VAL A 219 16.84 -5.30 -2.22
C VAL A 219 15.83 -5.76 -3.27
N ILE A 220 15.93 -5.24 -4.49
CA ILE A 220 15.07 -5.68 -5.58
C ILE A 220 15.79 -6.71 -6.42
N SER A 221 15.08 -7.75 -6.85
CA SER A 221 15.74 -8.87 -7.48
C SER A 221 14.81 -9.56 -8.48
N ARG A 222 15.35 -9.98 -9.63
CA ARG A 222 14.59 -10.80 -10.59
C ARG A 222 14.77 -12.23 -10.15
N VAL A 223 13.68 -12.88 -9.77
CA VAL A 223 13.65 -14.32 -9.55
C VAL A 223 14.39 -15.03 -10.68
N ARG A 224 15.58 -15.56 -10.41
CA ARG A 224 16.31 -16.17 -11.51
C ARG A 224 15.79 -17.59 -11.82
N LYS A 225 15.67 -18.44 -10.79
CA LYS A 225 15.01 -19.75 -10.89
C LYS A 225 14.34 -19.98 -9.56
N MSE A 226 13.52 -21.03 -9.46
CA MSE A 226 13.00 -21.36 -8.14
C MSE A 226 12.61 -22.81 -8.11
O MSE A 226 12.42 -23.42 -9.15
CB MSE A 226 11.84 -20.45 -7.72
CG MSE A 226 10.72 -20.32 -8.74
SE MSE A 226 9.37 -19.04 -8.16
CE MSE A 226 8.42 -18.99 -9.80
N GLN A 227 12.52 -23.38 -6.92
CA GLN A 227 12.20 -24.80 -6.79
C GLN A 227 11.26 -25.07 -5.61
N ASN A 228 10.38 -26.05 -5.79
CA ASN A 228 9.49 -26.52 -4.74
C ASN A 228 9.83 -27.97 -4.41
N HIS A 229 10.36 -28.17 -3.21
CA HIS A 229 10.88 -29.48 -2.78
C HIS A 229 11.82 -30.05 -3.81
N GLY A 230 12.95 -29.38 -3.98
CA GLY A 230 14.06 -29.89 -4.75
C GLY A 230 13.85 -29.96 -6.24
N VAL A 231 12.69 -29.53 -6.70
CA VAL A 231 12.40 -29.55 -8.13
C VAL A 231 12.09 -28.16 -8.68
N PHE A 232 12.82 -27.77 -9.74
CA PHE A 232 12.62 -26.47 -10.35
C PHE A 232 11.17 -26.28 -10.84
N VAL A 233 10.66 -25.07 -10.63
CA VAL A 233 9.32 -24.68 -11.04
C VAL A 233 9.33 -23.24 -11.58
N LYS A 234 8.39 -22.91 -12.47
CA LYS A 234 8.35 -21.58 -13.05
C LYS A 234 7.23 -20.70 -12.46
N LYS A 235 6.38 -21.29 -11.62
CA LYS A 235 5.34 -20.54 -10.92
C LYS A 235 5.16 -21.07 -9.51
N ALA A 236 5.02 -20.16 -8.55
CA ALA A 236 4.74 -20.59 -7.19
C ALA A 236 3.54 -19.84 -6.70
N VAL A 237 2.86 -20.43 -5.73
CA VAL A 237 1.53 -19.99 -5.35
C VAL A 237 1.34 -20.09 -3.86
N ALA A 238 0.57 -19.15 -3.31
CA ALA A 238 0.16 -19.17 -1.92
C ALA A 238 -0.20 -20.58 -1.49
N GLY A 239 0.56 -21.11 -0.55
CA GLY A 239 0.36 -22.46 -0.06
C GLY A 239 1.67 -23.17 -0.21
N GLU A 240 2.31 -22.95 -1.35
CA GLU A 240 3.56 -23.58 -1.72
C GLU A 240 4.68 -23.13 -0.78
N ARG A 241 5.58 -24.05 -0.44
CA ARG A 241 6.86 -23.61 0.11
C ARG A 241 7.80 -23.54 -1.04
N ILE A 242 8.42 -22.39 -1.20
CA ILE A 242 9.19 -22.16 -2.39
C ILE A 242 10.60 -21.67 -2.04
N ALA A 243 11.58 -22.08 -2.86
CA ALA A 243 12.95 -21.55 -2.81
C ALA A 243 13.15 -20.64 -3.97
N LEU A 244 13.54 -19.39 -3.71
CA LEU A 244 13.78 -18.41 -4.76
C LEU A 244 15.26 -18.01 -4.85
N ASN A 245 15.79 -18.06 -6.07
CA ASN A 245 17.13 -17.57 -6.38
C ASN A 245 17.17 -16.05 -6.54
N LEU A 246 17.84 -15.38 -5.61
CA LEU A 246 17.87 -13.91 -5.61
C LEU A 246 19.28 -13.38 -5.33
N PRO A 247 20.15 -13.41 -6.34
CA PRO A 247 21.59 -13.15 -6.21
C PRO A 247 21.93 -11.79 -5.58
N GLU A 248 21.06 -10.81 -5.80
CA GLU A 248 21.28 -9.44 -5.38
C GLU A 248 21.23 -9.28 -3.86
N VAL A 249 20.90 -10.38 -3.18
CA VAL A 249 20.59 -10.36 -1.76
C VAL A 249 21.66 -11.09 -0.96
N ASP A 250 22.37 -10.39 -0.07
CA ASP A 250 23.45 -11.05 0.69
C ASP A 250 22.87 -11.96 1.76
N ALA A 251 22.88 -13.26 1.48
CA ALA A 251 22.17 -14.23 2.30
C ALA A 251 22.53 -14.14 3.78
N LYS A 252 23.79 -13.81 4.05
CA LYS A 252 24.26 -13.71 5.43
C LYS A 252 23.57 -12.57 6.17
N LYS A 253 22.84 -11.71 5.45
CA LYS A 253 22.15 -10.61 6.09
C LYS A 253 20.65 -10.87 6.25
N VAL A 254 20.22 -12.12 6.02
CA VAL A 254 18.79 -12.48 5.99
C VAL A 254 18.44 -13.61 6.98
N LYS A 255 17.48 -13.36 7.89
CA LYS A 255 16.96 -14.45 8.73
C LYS A 255 15.45 -14.69 8.47
N ARG A 256 14.78 -15.44 9.35
CA ARG A 256 13.33 -15.54 9.25
C ARG A 256 12.70 -14.19 9.45
N GLY A 257 11.51 -14.03 8.89
CA GLY A 257 10.77 -12.79 9.08
C GLY A 257 10.92 -11.88 7.88
N PHE A 258 12.02 -12.05 7.16
CA PHE A 258 12.19 -11.34 5.92
C PHE A 258 11.01 -11.63 5.00
N LEU A 259 10.53 -10.62 4.28
CA LEU A 259 9.48 -10.85 3.30
C LEU A 259 10.01 -10.84 1.87
N ILE A 260 9.43 -11.67 1.02
CA ILE A 260 9.54 -11.46 -0.42
C ILE A 260 8.21 -10.84 -0.81
N LEU A 261 8.24 -9.84 -1.68
CA LEU A 261 7.10 -8.97 -1.91
C LEU A 261 7.06 -8.42 -3.33
N LYS A 262 5.87 -8.39 -3.93
CA LYS A 262 5.69 -7.67 -5.17
C LYS A 262 5.99 -6.23 -4.87
N PRO A 263 6.90 -5.63 -5.64
CA PRO A 263 7.40 -4.28 -5.37
C PRO A 263 6.30 -3.26 -5.38
N GLU A 264 6.30 -2.36 -4.39
CA GLU A 264 5.30 -1.31 -4.25
C GLU A 264 3.87 -1.85 -4.09
N SER A 265 3.75 -2.85 -3.23
CA SER A 265 2.48 -3.49 -2.93
C SER A 265 2.24 -3.49 -1.43
N TYR A 266 3.00 -2.66 -0.72
CA TYR A 266 2.93 -2.67 0.73
C TYR A 266 3.26 -1.31 1.30
N GLU A 267 3.35 -1.22 2.62
CA GLU A 267 3.73 -0.01 3.37
C GLU A 267 4.36 -0.42 4.70
N LYS A 268 5.42 0.29 5.11
CA LYS A 268 5.99 0.06 6.43
C LYS A 268 5.26 0.92 7.45
N SER A 269 5.43 0.58 8.73
CA SER A 269 4.92 1.38 9.83
C SER A 269 5.34 0.84 11.17
N ASN A 270 5.22 1.67 12.20
CA ASN A 270 5.48 1.26 13.56
C ASN A 270 4.26 1.59 14.40
N VAL A 271 3.20 2.01 13.72
CA VAL A 271 1.97 2.39 14.38
C VAL A 271 0.76 1.63 13.84
N LEU A 272 0.06 0.93 14.73
CA LEU A 272 -1.09 0.11 14.36
C LEU A 272 -2.29 0.38 15.25
N ILE A 273 -3.48 0.20 14.68
CA ILE A 273 -4.71 0.07 15.46
C ILE A 273 -5.20 -1.38 15.36
N VAL A 274 -5.36 -2.02 16.52
CA VAL A 274 -5.65 -3.44 16.58
C VAL A 274 -6.94 -3.80 17.33
N LYS A 275 -7.20 -5.09 17.44
CA LYS A 275 -8.37 -5.59 18.13
C LYS A 275 -7.98 -6.85 18.90
N THR A 276 -8.12 -6.81 20.23
CA THR A 276 -7.91 -7.99 21.07
C THR A 276 -9.00 -8.14 22.10
N GLU A 277 -9.08 -9.33 22.68
CA GLU A 277 -9.88 -9.54 23.88
C GLU A 277 -9.05 -9.10 25.07
N ILE A 278 -7.73 -9.25 24.94
CA ILE A 278 -6.78 -8.87 25.98
C ILE A 278 -6.98 -7.43 26.44
N ASP A 279 -6.73 -7.18 27.72
CA ASP A 279 -6.48 -5.81 28.15
C ASP A 279 -4.98 -5.71 28.38
N LEU A 280 -4.37 -4.74 27.71
CA LEU A 280 -2.93 -4.64 27.69
C LEU A 280 -2.47 -3.39 28.42
N LYS A 281 -1.80 -3.60 29.54
CA LYS A 281 -1.31 -2.51 30.37
C LYS A 281 -0.18 -1.75 29.67
N PRO A 282 -0.29 -0.41 29.56
CA PRO A 282 0.66 0.47 28.86
C PRO A 282 2.13 0.38 29.34
N GLY A 283 2.34 0.00 30.59
CA GLY A 283 3.68 -0.05 31.16
C GLY A 283 4.53 -1.23 30.72
N LYS A 284 4.11 -2.44 31.09
CA LYS A 284 4.82 -3.66 30.69
C LYS A 284 4.74 -3.78 29.16
N ILE A 285 5.75 -4.37 28.55
CA ILE A 285 5.78 -4.44 27.10
C ILE A 285 5.75 -5.88 26.62
N TYR A 286 4.98 -6.12 25.56
CA TYR A 286 4.71 -7.47 25.08
C TYR A 286 5.35 -7.76 23.73
N GLN A 287 5.78 -9.00 23.56
CA GLN A 287 6.26 -9.48 22.26
C GLN A 287 5.09 -9.69 21.31
N VAL A 288 5.26 -9.28 20.06
CA VAL A 288 4.22 -9.46 19.06
C VAL A 288 4.75 -10.30 17.90
N PHE A 289 4.05 -11.39 17.58
CA PHE A 289 4.51 -12.37 16.61
C PHE A 289 3.67 -12.38 15.34
N PHE A 290 4.33 -12.45 14.19
CA PHE A 290 3.69 -12.54 12.89
C PHE A 290 4.72 -12.79 11.82
N GLY A 291 4.29 -13.39 10.70
CA GLY A 291 5.14 -13.66 9.55
C GLY A 291 6.48 -14.30 9.80
N MSE A 292 6.54 -15.21 10.77
CA MSE A 292 7.78 -15.83 11.26
C MSE A 292 8.71 -14.81 11.87
O MSE A 292 9.92 -15.00 11.85
CB MSE A 292 8.52 -16.58 10.15
CG MSE A 292 7.69 -17.49 9.28
SE MSE A 292 8.79 -18.77 8.45
CE MSE A 292 7.63 -19.21 7.04
N ARG A 293 8.17 -13.74 12.43
CA ARG A 293 8.97 -12.66 12.99
C ARG A 293 8.44 -12.16 14.32
N GLU A 294 9.35 -11.94 15.27
CA GLU A 294 8.98 -11.40 16.57
C GLU A 294 9.30 -9.91 16.63
N THR A 295 8.40 -9.13 17.23
CA THR A 295 8.67 -7.72 17.47
C THR A 295 8.19 -7.39 18.88
N VAL A 296 8.53 -6.20 19.35
CA VAL A 296 8.16 -5.76 20.68
C VAL A 296 7.42 -4.43 20.53
N GLY A 297 6.40 -4.20 21.36
CA GLY A 297 5.62 -2.98 21.25
C GLY A 297 4.95 -2.51 22.52
N LYS A 298 4.93 -1.19 22.72
CA LYS A 298 4.19 -0.56 23.82
C LYS A 298 2.73 -0.39 23.40
N ILE A 299 1.80 -0.35 24.36
CA ILE A 299 0.38 -0.25 24.03
C ILE A 299 -0.26 1.00 24.59
N SER A 300 -1.10 1.64 23.77
CA SER A 300 -1.92 2.76 24.22
C SER A 300 -3.40 2.46 23.98
N VAL A 301 -4.18 2.46 25.04
CA VAL A 301 -5.60 2.15 24.95
C VAL A 301 -6.39 3.24 24.24
N ILE A 302 -7.12 2.86 23.20
CA ILE A 302 -7.99 3.81 22.51
C ILE A 302 -9.43 3.68 22.99
N ASP A 303 -9.88 2.43 23.04
CA ASP A 303 -11.21 2.07 23.47
C ASP A 303 -11.04 0.66 24.03
N LYS A 304 -12.11 -0.06 24.32
CA LYS A 304 -11.90 -1.43 24.70
C LYS A 304 -12.18 -2.29 23.50
N GLY A 305 -11.35 -3.30 23.32
CA GLY A 305 -11.33 -4.10 22.11
C GLY A 305 -10.41 -3.46 21.08
N ILE A 306 -10.00 -2.22 21.34
CA ILE A 306 -9.19 -1.47 20.40
C ILE A 306 -7.95 -0.84 21.02
N TYR A 307 -6.77 -1.25 20.56
CA TYR A 307 -5.54 -0.74 21.14
C TYR A 307 -4.64 -0.14 20.08
N LEU A 308 -3.80 0.79 20.51
CA LEU A 308 -2.82 1.42 19.64
C LEU A 308 -1.48 0.77 19.91
N VAL A 309 -0.78 0.41 18.85
CA VAL A 309 0.53 -0.18 19.03
C VAL A 309 1.64 0.67 18.43
N ARG A 310 2.62 1.00 19.25
CA ARG A 310 3.84 1.57 18.74
C ARG A 310 4.88 0.44 18.74
N LEU A 311 5.50 0.21 17.58
CA LEU A 311 6.43 -0.88 17.43
C LEU A 311 7.86 -0.41 17.40
N LYS A 312 8.73 -1.17 18.06
CA LYS A 312 10.17 -0.89 18.07
C LYS A 312 10.73 -0.75 16.66
N GLU A 313 10.27 -1.61 15.75
CA GLU A 313 10.83 -1.70 14.41
C GLU A 313 9.73 -1.51 13.37
N ASN A 314 9.96 -0.71 12.33
CA ASN A 314 8.96 -0.58 11.26
C ASN A 314 8.51 -1.98 10.80
N ALA A 315 7.34 -2.09 10.17
CA ALA A 315 6.76 -3.42 9.99
C ALA A 315 5.68 -3.52 8.89
N ILE A 316 5.77 -4.58 8.10
CA ILE A 316 4.90 -4.76 6.93
C ILE A 316 3.71 -5.64 7.26
N VAL A 317 2.55 -5.02 7.49
CA VAL A 317 1.33 -5.79 7.74
C VAL A 317 0.15 -5.18 7.01
N ARG A 318 -0.89 -5.98 6.83
CA ARG A 318 -2.09 -5.53 6.14
C ARG A 318 -3.29 -5.51 7.08
N ARG A 319 -4.31 -4.75 6.69
CA ARG A 319 -5.56 -4.79 7.44
C ARG A 319 -6.05 -6.21 7.41
N GLY A 320 -6.45 -6.71 8.58
CA GLY A 320 -7.03 -8.04 8.67
C GLY A 320 -6.07 -9.07 9.21
N ASP A 321 -4.78 -8.84 9.01
CA ASP A 321 -3.74 -9.75 9.49
C ASP A 321 -3.85 -10.01 10.98
N LYS A 322 -3.39 -11.17 11.42
CA LYS A 322 -3.51 -11.50 12.84
C LYS A 322 -2.16 -11.70 13.52
N LEU A 323 -2.09 -11.24 14.77
CA LEU A 323 -0.87 -11.23 15.55
C LEU A 323 -0.96 -12.14 16.77
N VAL A 324 0.19 -12.64 17.19
CA VAL A 324 0.22 -13.40 18.44
C VAL A 324 1.04 -12.62 19.50
N VAL A 325 0.45 -12.44 20.67
CA VAL A 325 1.07 -11.64 21.72
C VAL A 325 1.63 -12.48 22.85
N LEU A 326 2.88 -12.22 23.21
CA LEU A 326 3.46 -12.90 24.35
C LEU A 326 3.85 -11.93 25.44
N ASP A 327 3.76 -12.42 26.66
CA ASP A 327 4.19 -11.71 27.84
C ASP A 327 5.67 -11.44 27.75
N SER A 328 6.13 -10.43 28.47
CA SER A 328 7.54 -10.14 28.63
C SER A 328 8.36 -11.43 28.81
N SER A 329 7.85 -12.29 29.69
CA SER A 329 8.50 -13.55 30.05
C SER A 329 8.33 -14.65 29.02
N GLY A 330 7.38 -14.46 28.11
CA GLY A 330 7.24 -15.38 27.00
C GLY A 330 6.16 -16.42 27.17
N ASN A 331 5.13 -16.12 27.94
CA ASN A 331 4.00 -17.02 27.93
C ASN A 331 2.90 -16.44 27.04
N PHE A 332 1.99 -17.28 26.60
CA PHE A 332 0.97 -16.87 25.64
C PHE A 332 -0.01 -15.90 26.28
N LEU A 333 -0.47 -14.92 25.53
CA LEU A 333 -1.44 -13.95 26.05
C LEU A 333 -2.69 -13.81 25.20
N GLY A 334 -2.57 -14.05 23.90
CA GLY A 334 -3.71 -13.89 23.02
C GLY A 334 -3.35 -13.55 21.59
N GLY A 335 -4.36 -13.13 20.83
CA GLY A 335 -4.17 -12.76 19.44
C GLY A 335 -4.72 -11.36 19.17
N ALA A 336 -4.29 -10.76 18.06
CA ALA A 336 -4.65 -9.39 17.71
C ALA A 336 -4.93 -9.19 16.22
N GLU A 337 -5.98 -8.44 15.91
CA GLU A 337 -6.33 -8.21 14.52
C GLU A 337 -5.98 -6.79 14.15
N VAL A 338 -5.04 -6.67 13.23
CA VAL A 338 -4.66 -5.41 12.67
C VAL A 338 -5.86 -4.77 11.97
N LEU A 339 -6.42 -3.74 12.60
CA LEU A 339 -7.51 -2.96 12.02
C LEU A 339 -6.97 -1.92 11.04
N HIS A 340 -5.87 -1.28 11.42
CA HIS A 340 -5.21 -0.31 10.56
C HIS A 340 -3.72 -0.21 10.87
N PRO A 341 -2.87 -0.50 9.85
CA PRO A 341 -1.42 -0.29 9.83
C PRO A 341 -0.99 1.07 9.25
N LYS A 342 -0.06 1.74 9.92
CA LYS A 342 0.37 3.09 9.55
C LYS A 342 -0.75 4.11 9.71
N VAL A 343 -1.25 4.32 10.92
CA VAL A 343 -2.26 5.34 11.12
C VAL A 343 -1.55 6.69 11.12
N ARG A 344 -2.29 7.75 10.82
CA ARG A 344 -1.75 9.10 10.86
C ARG A 344 -1.87 9.66 12.27
N VAL A 345 -2.85 9.17 13.01
CA VAL A 345 -3.20 9.74 14.28
C VAL A 345 -2.91 8.84 15.46
N THR A 346 -2.21 9.38 16.45
CA THR A 346 -1.93 8.69 17.71
C THR A 346 -2.75 9.28 18.86
N LYS A 347 -3.36 10.44 18.63
CA LYS A 347 -4.30 11.01 19.61
C LYS A 347 -5.58 10.19 19.60
N LYS A 348 -5.98 9.74 20.78
CA LYS A 348 -7.11 8.82 20.94
C LYS A 348 -8.38 9.31 20.26
N ALA A 349 -8.72 10.56 20.56
CA ALA A 349 -9.99 11.17 20.18
C ALA A 349 -10.44 10.85 18.76
N PHE A 350 -9.56 11.04 17.78
CA PHE A 350 -9.98 10.89 16.39
C PHE A 350 -10.43 9.47 16.09
N ILE A 351 -9.72 8.52 16.67
CA ILE A 351 -9.99 7.11 16.45
C ILE A 351 -11.33 6.70 17.05
N LYS A 352 -11.52 6.98 18.34
CA LYS A 352 -12.75 6.56 19.01
C LYS A 352 -13.99 7.16 18.35
N LYS A 353 -13.83 8.33 17.73
CA LYS A 353 -14.96 9.00 17.06
C LYS A 353 -15.38 8.34 15.75
N ASN A 354 -14.50 7.55 15.16
CA ASN A 354 -14.83 6.94 13.88
C ASN A 354 -14.63 5.43 13.88
N ILE A 355 -14.66 4.85 15.07
CA ILE A 355 -14.56 3.41 15.22
C ILE A 355 -15.67 2.74 14.44
N LYS A 356 -16.90 3.24 14.62
CA LYS A 356 -18.06 2.70 13.92
C LYS A 356 -17.81 2.67 12.41
N ASP A 357 -17.04 3.63 11.91
CA ASP A 357 -16.64 3.66 10.51
C ASP A 357 -15.43 2.77 10.30
N LEU A 358 -14.41 2.92 11.14
CA LEU A 358 -13.18 2.12 11.06
C LEU A 358 -13.46 0.63 10.93
N LEU A 359 -14.54 0.17 11.53
CA LEU A 359 -14.78 -1.25 11.60
C LEU A 359 -15.60 -1.79 10.44
N GLU A 360 -16.50 -0.97 9.89
CA GLU A 360 -17.39 -1.48 8.85
C GLU A 360 -17.24 -0.76 7.51
N ASN A 361 -16.60 0.41 7.51
CA ASN A 361 -16.27 1.11 6.27
C ASN A 361 -14.89 1.72 6.40
N PHE A 362 -13.89 1.01 5.93
CA PHE A 362 -12.53 1.46 6.05
C PHE A 362 -12.26 2.63 5.13
N GLU A 363 -12.86 2.57 3.93
CA GLU A 363 -12.80 3.68 2.98
C GLU A 363 -13.19 4.99 3.64
N CYS A 364 -14.38 5.04 4.21
CA CYS A 364 -14.85 6.27 4.84
C CYS A 364 -14.02 6.67 6.07
N TYR A 365 -13.38 5.70 6.74
CA TYR A 365 -12.46 6.06 7.80
C TYR A 365 -11.20 6.63 7.20
N LEU A 366 -10.85 6.14 6.02
CA LEU A 366 -9.64 6.61 5.33
C LEU A 366 -9.88 8.03 4.79
N LEU A 367 -11.01 8.21 4.09
CA LEU A 367 -11.43 9.53 3.62
C LEU A 367 -11.38 10.54 4.78
N LYS A 368 -11.54 10.05 6.01
CA LYS A 368 -11.44 10.89 7.20
C LYS A 368 -10.00 11.09 7.68
N GLU A 369 -9.16 10.06 7.57
CA GLU A 369 -7.83 10.14 8.14
C GLU A 369 -7.05 11.27 7.51
N ARG A 370 -7.28 11.48 6.21
CA ARG A 370 -6.84 12.68 5.49
C ARG A 370 -7.70 12.84 4.24
N GLY A 371 -8.69 13.71 4.32
CA GLY A 371 -9.65 13.94 3.25
C GLY A 371 -9.26 14.61 1.94
N PRO A 372 -8.44 15.69 1.98
CA PRO A 372 -8.07 16.48 0.79
C PRO A 372 -7.21 15.71 -0.23
N ILE A 373 -6.20 15.04 0.30
CA ILE A 373 -5.48 13.95 -0.37
C ILE A 373 -6.39 13.10 -1.26
N GLY A 374 -7.56 12.76 -0.71
CA GLY A 374 -8.48 11.84 -1.32
C GLY A 374 -7.96 10.44 -1.10
N LEU A 375 -8.43 9.52 -1.91
CA LEU A 375 -8.06 8.12 -1.73
C LEU A 375 -7.84 7.46 -3.08
N LYS A 376 -6.61 7.06 -3.37
CA LYS A 376 -6.38 6.27 -4.56
C LYS A 376 -6.71 4.81 -4.23
N LEU A 377 -7.41 4.15 -5.15
CA LEU A 377 -7.75 2.74 -4.98
C LEU A 377 -6.47 1.90 -4.96
N GLU A 378 -5.44 2.38 -5.65
CA GLU A 378 -4.14 1.73 -5.66
C GLU A 378 -3.53 1.69 -4.27
N PHE A 379 -3.98 2.57 -3.39
CA PHE A 379 -3.43 2.65 -2.05
C PHE A 379 -4.18 1.79 -1.06
N PHE A 380 -5.50 1.86 -1.13
CA PHE A 380 -6.34 1.01 -0.30
C PHE A 380 -5.86 -0.44 -0.40
N LYS A 381 -5.53 -0.88 -1.62
CA LYS A 381 -5.07 -2.23 -1.86
C LYS A 381 -3.65 -2.52 -1.40
N ARG A 382 -3.00 -1.57 -0.73
CA ARG A 382 -1.65 -1.82 -0.24
C ARG A 382 -1.68 -2.02 1.27
N ILE A 383 -2.80 -1.66 1.85
CA ILE A 383 -2.98 -1.77 3.28
C ILE A 383 -4.01 -2.85 3.56
N THR A 384 -4.83 -3.11 2.55
CA THR A 384 -5.92 -4.04 2.67
C THR A 384 -5.62 -5.35 1.95
N GLY A 385 -4.85 -5.26 0.88
CA GLY A 385 -4.59 -6.42 0.06
C GLY A 385 -5.69 -6.57 -0.96
N VAL A 386 -6.71 -5.73 -0.82
CA VAL A 386 -7.91 -5.79 -1.65
C VAL A 386 -8.35 -4.40 -2.07
N SER A 387 -8.78 -4.28 -3.33
CA SER A 387 -9.36 -3.05 -3.86
C SER A 387 -10.65 -2.69 -3.14
N PRO A 388 -10.99 -1.39 -3.08
CA PRO A 388 -12.14 -0.95 -2.29
C PRO A 388 -13.46 -1.45 -2.81
N LYS A 389 -14.49 -1.29 -1.97
CA LYS A 389 -15.86 -1.58 -2.35
C LYS A 389 -16.42 -0.35 -3.06
N VAL A 390 -16.86 -0.52 -4.30
CA VAL A 390 -17.33 0.60 -5.12
C VAL A 390 -18.46 1.32 -4.39
N ALA A 391 -19.19 0.55 -3.58
CA ALA A 391 -20.31 1.06 -2.80
C ALA A 391 -19.86 1.99 -1.66
N ASN A 392 -18.95 1.51 -0.81
CA ASN A 392 -18.51 2.25 0.37
C ASN A 392 -17.97 3.64 0.07
N LEU A 393 -17.64 3.86 -1.20
CA LEU A 393 -17.30 5.18 -1.68
C LEU A 393 -18.52 5.91 -2.25
N LYS A 394 -19.30 5.18 -3.06
CA LYS A 394 -20.26 5.75 -4.02
C LYS A 394 -21.20 6.84 -3.48
N PRO A 395 -22.11 6.52 -2.54
CA PRO A 395 -23.03 7.62 -2.22
C PRO A 395 -22.35 8.71 -1.40
N GLU A 396 -21.29 8.32 -0.69
CA GLU A 396 -20.55 9.24 0.16
C GLU A 396 -19.74 10.23 -0.68
N SER A 397 -19.09 9.72 -1.71
CA SER A 397 -18.04 10.44 -2.43
C SER A 397 -18.22 10.48 -3.94
N ILE A 398 -17.61 11.48 -4.57
CA ILE A 398 -17.59 11.63 -6.02
C ILE A 398 -16.19 12.01 -6.45
N GLU A 399 -15.58 11.20 -7.32
CA GLU A 399 -14.16 11.32 -7.63
C GLU A 399 -13.86 12.29 -8.76
N ILE A 400 -12.61 12.75 -8.81
CA ILE A 400 -12.15 13.72 -9.81
C ILE A 400 -10.75 13.44 -10.36
N ARG A 401 -10.63 13.34 -11.68
CA ARG A 401 -9.35 13.07 -12.33
C ARG A 401 -8.72 11.78 -11.84
N GLY A 402 -9.54 10.86 -11.33
CA GLY A 402 -9.04 9.58 -10.84
C GLY A 402 -9.18 9.35 -9.35
N VAL A 403 -8.79 10.35 -8.55
CA VAL A 403 -8.76 10.24 -7.09
C VAL A 403 -10.15 10.40 -6.43
N TYR A 404 -10.39 9.64 -5.35
CA TYR A 404 -11.68 9.66 -4.67
C TYR A 404 -11.74 10.64 -3.51
N TYR A 405 -12.61 11.65 -3.66
CA TYR A 405 -12.86 12.67 -2.65
C TYR A 405 -14.28 12.56 -2.08
N LEU A 406 -14.35 12.20 -0.80
CA LEU A 406 -15.59 12.22 -0.06
C LEU A 406 -16.24 13.59 -0.12
N LYS A 407 -17.48 13.64 -0.62
CA LYS A 407 -18.23 14.89 -0.85
C LYS A 407 -18.13 15.92 0.29
N GLY A 408 -17.69 15.47 1.46
CA GLY A 408 -17.66 16.29 2.65
C GLY A 408 -16.66 17.43 2.66
N PHE A 409 -15.37 17.11 2.51
CA PHE A 409 -14.31 18.09 2.77
C PHE A 409 -14.14 19.17 1.69
N ILE A 410 -14.81 19.00 0.56
CA ILE A 410 -14.77 19.98 -0.51
C ILE A 410 -15.43 21.29 -0.07
N GLU A 411 -16.58 21.19 0.60
CA GLU A 411 -17.35 22.37 0.97
C GLU A 411 -16.79 22.98 2.23
N ASN A 412 -16.08 22.17 3.01
CA ASN A 412 -15.39 22.63 4.20
C ASN A 412 -14.38 23.72 3.90
N LEU A 413 -13.71 23.58 2.76
CA LEU A 413 -12.62 24.50 2.42
C LEU A 413 -13.05 25.66 1.54
N LYS A 414 -14.00 25.42 0.63
CA LYS A 414 -14.50 26.48 -0.25
C LYS A 414 -14.79 27.72 0.57
N LEU A 415 -15.26 27.49 1.79
CA LEU A 415 -15.43 28.54 2.80
C LEU A 415 -14.10 29.08 3.29
N LYS A 416 -13.17 28.18 3.60
CA LYS A 416 -11.88 28.60 4.13
C LYS A 416 -11.03 29.28 3.06
N ILE A 417 -11.15 28.80 1.82
CA ILE A 417 -10.51 29.42 0.67
C ILE A 417 -11.06 30.85 0.48
N LYS A 418 -12.36 30.92 0.13
CA LYS A 418 -12.97 32.18 -0.25
C LYS A 418 -12.94 33.21 0.88
N LYS A 419 -12.98 32.76 2.13
CA LYS A 419 -12.94 33.70 3.23
C LYS A 419 -11.52 34.25 3.40
N PHE A 420 -10.52 33.43 3.10
CA PHE A 420 -9.14 33.87 3.16
C PHE A 420 -8.80 34.82 2.01
N LEU A 421 -9.18 34.42 0.80
CA LEU A 421 -8.92 35.20 -0.40
C LEU A 421 -9.39 36.65 -0.30
N ASP A 422 -10.69 36.82 -0.08
CA ASP A 422 -11.34 38.13 -0.08
C ASP A 422 -10.77 39.08 0.95
N THR A 423 -10.37 38.52 2.09
CA THR A 423 -9.74 39.30 3.14
C THR A 423 -8.29 39.61 2.78
N GLU A 424 -7.68 38.75 1.95
CA GLU A 424 -6.33 38.96 1.47
C GLU A 424 -6.28 39.98 0.34
N LEU A 425 -7.19 39.82 -0.61
CA LEU A 425 -7.33 40.74 -1.72
C LEU A 425 -7.78 42.13 -1.26
N GLN A 426 -8.13 42.24 0.01
CA GLN A 426 -8.56 43.51 0.59
C GLN A 426 -7.44 44.55 0.60
N ASN A 427 -6.20 44.11 0.83
CA ASN A 427 -5.08 45.03 0.85
C ASN A 427 -4.02 44.73 -0.22
N ALA A 428 -4.23 43.64 -0.97
CA ALA A 428 -3.30 43.26 -2.02
C ALA A 428 -4.00 43.10 -3.37
N PHE A 429 -3.22 42.88 -4.43
CA PHE A 429 -3.77 42.64 -5.75
C PHE A 429 -3.87 41.15 -5.97
N GLY A 430 -3.51 40.38 -4.94
CA GLY A 430 -3.55 38.94 -5.10
C GLY A 430 -2.77 38.12 -4.10
N VAL A 431 -2.69 36.81 -4.35
CA VAL A 431 -2.07 35.89 -3.43
C VAL A 431 -1.33 34.83 -4.23
N ASP A 432 -0.13 34.47 -3.79
CA ASP A 432 0.62 33.36 -4.36
C ASP A 432 -0.16 32.05 -4.32
N LYS A 433 -0.16 31.32 -5.43
CA LYS A 433 -0.68 29.97 -5.48
C LYS A 433 0.07 29.12 -4.45
N GLU A 434 1.33 29.47 -4.23
CA GLU A 434 2.16 28.82 -3.22
C GLU A 434 1.76 29.22 -1.78
N LYS A 435 1.26 30.45 -1.61
CA LYS A 435 0.90 30.96 -0.29
C LYS A 435 -0.29 30.17 0.23
N VAL A 436 -1.09 29.70 -0.72
CA VAL A 436 -2.21 28.82 -0.42
C VAL A 436 -1.70 27.49 0.21
N LYS A 437 -0.61 26.95 -0.34
CA LYS A 437 -0.01 25.72 0.19
C LYS A 437 0.42 25.73 1.67
N SER A 438 0.60 26.90 2.26
CA SER A 438 1.05 27.01 3.65
C SER A 438 0.11 26.26 4.57
N MSE A 439 -1.15 26.24 4.19
CA MSE A 439 -2.19 25.64 5.03
C MSE A 439 -2.87 24.46 4.33
O MSE A 439 -3.46 23.59 4.97
CB MSE A 439 -3.21 26.72 5.41
CG MSE A 439 -2.55 28.00 5.93
SE MSE A 439 -3.45 29.65 5.47
CE MSE A 439 -2.22 30.93 6.31
N PHE A 440 -2.77 24.43 3.00
CA PHE A 440 -3.64 23.61 2.17
C PHE A 440 -2.89 22.45 1.55
N SER A 441 -1.56 22.53 1.66
CA SER A 441 -0.63 21.65 0.97
C SER A 441 -0.77 21.80 -0.54
N LEU A 442 -0.89 20.66 -1.22
CA LEU A 442 -1.06 20.73 -2.65
C LEU A 442 -2.48 20.39 -3.10
N ASN A 443 -3.25 21.41 -3.46
CA ASN A 443 -4.56 21.10 -4.03
C ASN A 443 -4.64 21.20 -5.54
N GLU A 444 -3.51 21.13 -6.22
CA GLU A 444 -3.45 21.35 -7.67
C GLU A 444 -4.39 20.42 -8.45
N GLU A 445 -4.59 19.20 -7.96
CA GLU A 445 -5.59 18.30 -8.53
C GLU A 445 -6.98 18.97 -8.56
N LEU A 446 -7.33 19.60 -7.44
CA LEU A 446 -8.69 20.04 -7.15
C LEU A 446 -8.86 21.56 -7.01
N LEU A 447 -7.77 22.27 -6.77
CA LEU A 447 -7.78 23.73 -6.71
C LEU A 447 -8.48 24.28 -7.94
N LYS A 448 -8.17 23.69 -9.08
CA LYS A 448 -8.82 24.04 -10.34
C LYS A 448 -10.34 23.96 -10.21
N TYR A 449 -10.83 22.85 -9.66
CA TYR A 449 -12.26 22.62 -9.50
C TYR A 449 -12.90 23.51 -8.42
N ILE A 450 -12.16 23.77 -7.35
CA ILE A 450 -12.52 24.78 -6.33
C ILE A 450 -12.75 26.14 -6.99
N LEU A 451 -11.88 26.50 -7.93
CA LEU A 451 -11.95 27.79 -8.60
C LEU A 451 -12.77 27.69 -9.87
N ASP A 452 -12.99 26.47 -10.34
CA ASP A 452 -13.89 26.22 -11.46
C ASP A 452 -15.32 26.32 -10.98
N GLU A 453 -15.48 26.10 -9.67
CA GLU A 453 -16.78 26.22 -9.02
C GLU A 453 -17.00 27.68 -8.62
N LEU A 454 -16.11 28.20 -7.77
CA LEU A 454 -16.12 29.61 -7.41
C LEU A 454 -15.79 30.45 -8.64
N LYS A 455 -16.81 30.78 -9.44
CA LYS A 455 -16.62 31.50 -10.71
C LYS A 455 -15.66 32.70 -10.57
N THR A 456 -15.82 33.44 -9.49
CA THR A 456 -15.13 34.71 -9.28
C THR A 456 -13.61 34.65 -9.46
N TYR A 457 -12.96 33.62 -8.93
CA TYR A 457 -11.50 33.59 -8.96
C TYR A 457 -10.90 32.88 -10.16
N LYS A 458 -9.99 33.59 -10.83
CA LYS A 458 -9.09 33.03 -11.81
C LYS A 458 -7.66 33.25 -11.33
N ILE A 459 -6.79 32.33 -11.71
CA ILE A 459 -5.38 32.41 -11.37
C ILE A 459 -4.59 32.93 -12.56
N VAL A 460 -3.76 33.95 -12.31
CA VAL A 460 -2.89 34.50 -13.34
C VAL A 460 -1.43 34.33 -12.91
N ASN A 461 -0.65 33.60 -13.70
CA ASN A 461 0.78 33.45 -13.42
C ASN A 461 1.08 32.94 -11.99
N GLU A 462 1.88 33.71 -11.26
CA GLU A 462 2.24 33.41 -9.88
C GLU A 462 1.10 33.78 -8.96
N LEU A 463 -0.02 34.17 -9.55
CA LEU A 463 -1.00 34.94 -8.80
C LEU A 463 -2.46 34.48 -8.88
N ILE A 464 -3.13 34.59 -7.74
CA ILE A 464 -4.56 34.40 -7.64
C ILE A 464 -5.24 35.75 -7.46
N ILE A 465 -6.27 36.00 -8.27
CA ILE A 465 -7.00 37.27 -8.25
C ILE A 465 -8.53 37.07 -8.23
N ASP A 466 -9.25 38.05 -7.69
CA ASP A 466 -10.71 38.10 -7.81
C ASP A 466 -11.01 38.81 -9.12
N GLU A 467 -12.14 38.52 -9.78
CA GLU A 467 -12.41 39.27 -11.01
C GLU A 467 -12.83 40.69 -10.66
N ARG A 468 -11.84 41.56 -10.76
CA ARG A 468 -12.04 42.99 -10.64
C ARG A 468 -11.47 43.59 -11.92
N LYS A 469 -12.38 43.84 -12.86
CA LYS A 469 -12.06 44.12 -14.25
C LYS A 469 -11.81 45.60 -14.52
N SER A 470 -12.51 46.46 -13.78
CA SER A 470 -12.28 47.91 -13.79
C SER A 470 -11.18 48.26 -12.81
N ASP A 471 -10.57 47.24 -12.23
CA ASP A 471 -9.60 47.39 -11.17
C ASP A 471 -8.21 47.42 -11.74
N LEU A 472 -8.11 47.04 -13.01
CA LEU A 472 -6.81 47.10 -13.68
C LEU A 472 -6.47 48.54 -13.98
N GLU A 473 -7.44 49.29 -14.46
CA GLU A 473 -7.17 50.65 -14.90
C GLU A 473 -6.91 51.60 -13.74
N LYS A 474 -7.25 51.15 -12.54
CA LYS A 474 -6.96 51.90 -11.32
C LYS A 474 -5.79 51.27 -10.59
N ASN A 475 -5.09 50.36 -11.26
CA ASN A 475 -3.85 49.80 -10.75
C ASN A 475 -2.68 50.66 -11.22
N GLU A 476 -1.93 51.21 -10.26
CA GLU A 476 -0.82 52.08 -10.57
C GLU A 476 0.21 51.44 -11.52
N ASP A 477 0.58 50.19 -11.26
CA ASP A 477 1.54 49.47 -12.09
C ASP A 477 1.02 49.29 -13.50
N PHE A 478 -0.30 49.28 -13.64
CA PHE A 478 -0.87 49.14 -14.96
C PHE A 478 -0.70 50.46 -15.72
N GLN A 479 -1.13 51.54 -15.08
CA GLN A 479 -1.02 52.87 -15.65
C GLN A 479 0.44 53.21 -15.96
N LYS A 480 1.35 52.69 -15.15
CA LYS A 480 2.78 52.89 -15.38
C LYS A 480 3.09 52.22 -16.69
N LEU A 481 2.89 50.90 -16.78
CA LEU A 481 3.02 50.17 -18.04
C LEU A 481 2.39 50.88 -19.24
N MSE A 482 1.19 51.39 -19.03
CA MSE A 482 0.48 52.03 -20.12
C MSE A 482 1.18 53.34 -20.56
O MSE A 482 1.16 53.69 -21.73
CB MSE A 482 -0.97 52.27 -19.73
CG MSE A 482 -1.79 50.99 -19.59
SE MSE A 482 -1.69 49.75 -21.11
CE MSE A 482 -2.27 51.00 -22.47
N SER A 483 1.82 54.00 -19.60
CA SER A 483 2.55 55.21 -19.91
C SER A 483 3.89 54.87 -20.54
N ILE A 484 4.52 53.83 -20.01
CA ILE A 484 5.83 53.48 -20.53
C ILE A 484 5.64 52.94 -21.92
N LEU A 485 4.41 52.63 -22.29
CA LEU A 485 4.16 52.06 -23.60
C LEU A 485 3.92 53.15 -24.62
N LYS A 486 3.90 54.40 -24.15
CA LYS A 486 3.67 55.53 -25.04
C LYS A 486 4.97 55.89 -25.71
N GLY A 487 6.05 55.27 -25.26
CA GLY A 487 7.37 55.53 -25.82
C GLY A 487 7.69 54.51 -26.88
N GLY A 488 6.68 54.12 -27.63
CA GLY A 488 6.84 53.14 -28.70
C GLY A 488 6.73 51.69 -28.28
N ILE A 489 7.19 50.80 -29.16
CA ILE A 489 7.27 49.38 -28.83
C ILE A 489 8.38 49.12 -27.81
N LYS A 490 8.05 48.49 -26.69
CA LYS A 490 9.07 48.20 -25.70
C LYS A 490 9.45 46.73 -25.65
N GLU A 491 10.59 46.42 -25.05
CA GLU A 491 10.98 45.03 -24.92
C GLU A 491 10.63 44.51 -23.54
N GLU A 492 10.20 43.27 -23.48
CA GLU A 492 9.67 42.73 -22.24
C GLU A 492 10.72 42.80 -21.15
N ARG A 493 11.98 42.65 -21.53
CA ARG A 493 13.03 42.78 -20.55
C ARG A 493 13.05 44.15 -19.87
N GLU A 494 12.94 45.22 -20.65
CA GLU A 494 12.97 46.56 -20.07
C GLU A 494 11.77 46.70 -19.16
N ILE A 495 10.62 46.40 -19.72
CA ILE A 495 9.36 46.45 -18.99
C ILE A 495 9.43 45.69 -17.65
N ILE A 496 9.89 44.45 -17.69
CA ILE A 496 10.06 43.61 -16.49
C ILE A 496 10.99 44.27 -15.46
N LEU A 497 12.00 44.98 -15.98
CA LEU A 497 13.06 45.57 -15.16
C LEU A 497 12.66 46.94 -14.61
N GLU A 498 11.82 47.67 -15.34
CA GLU A 498 11.22 48.90 -14.84
C GLU A 498 10.35 48.54 -13.65
N GLY A 499 10.10 47.26 -13.47
CA GLY A 499 9.46 46.79 -12.27
C GLY A 499 7.95 46.73 -12.32
N ILE A 500 7.39 46.57 -13.51
CA ILE A 500 5.98 46.23 -13.59
C ILE A 500 5.92 44.71 -13.57
N PRO A 501 4.97 44.18 -12.79
CA PRO A 501 4.93 42.75 -12.52
C PRO A 501 4.39 41.98 -13.71
N LYS A 502 4.69 40.69 -13.79
CA LYS A 502 4.31 39.91 -14.95
C LYS A 502 2.79 39.83 -15.06
N GLU A 503 2.15 39.70 -13.90
CA GLU A 503 0.72 39.58 -13.81
C GLU A 503 0.04 40.75 -14.48
N ILE A 504 0.48 41.96 -14.16
CA ILE A 504 -0.12 43.13 -14.79
C ILE A 504 0.13 43.10 -16.29
N LEU A 505 1.29 42.62 -16.68
CA LEU A 505 1.62 42.58 -18.10
C LEU A 505 0.69 41.65 -18.81
N THR A 506 0.69 40.38 -18.39
CA THR A 506 -0.07 39.34 -19.08
C THR A 506 -1.54 39.71 -19.08
N LEU A 507 -2.07 40.16 -17.94
CA LEU A 507 -3.44 40.70 -17.84
C LEU A 507 -3.71 41.78 -18.87
N SER A 508 -2.80 42.73 -18.99
CA SER A 508 -2.93 43.79 -19.95
C SER A 508 -2.98 43.25 -21.37
N ILE A 509 -2.18 42.23 -21.64
CA ILE A 509 -2.18 41.66 -22.97
C ILE A 509 -3.46 40.87 -23.18
N LYS A 510 -3.88 40.13 -22.16
CA LYS A 510 -5.12 39.36 -22.22
C LYS A 510 -6.27 40.28 -22.61
N ARG A 511 -6.55 41.23 -21.74
CA ARG A 511 -7.63 42.19 -21.95
C ARG A 511 -7.42 43.22 -23.05
N LYS A 512 -6.54 42.95 -24.02
CA LYS A 512 -6.51 43.73 -25.26
C LYS A 512 -6.00 45.18 -25.07
N TYR A 513 -5.21 45.42 -24.03
CA TYR A 513 -4.67 46.77 -23.85
C TYR A 513 -3.30 46.91 -24.47
N ALA A 514 -2.55 45.81 -24.39
CA ALA A 514 -1.25 45.70 -25.01
C ALA A 514 -1.20 44.38 -25.76
N HIS A 515 -0.25 44.25 -26.68
CA HIS A 515 -0.08 43.05 -27.47
C HIS A 515 1.36 42.63 -27.50
N ARG A 516 1.57 41.32 -27.60
CA ARG A 516 2.92 40.79 -27.76
C ARG A 516 3.26 40.65 -29.25
N ILE A 517 4.44 41.13 -29.65
CA ILE A 517 4.72 41.26 -31.07
C ILE A 517 5.89 40.37 -31.50
N GLY A 518 7.03 40.51 -30.83
CA GLY A 518 8.12 39.61 -31.13
C GLY A 518 7.77 38.41 -30.32
N GLU A 519 8.78 37.74 -29.78
CA GLU A 519 8.48 36.83 -28.70
C GLU A 519 8.61 37.62 -27.40
N TYR A 520 9.09 38.85 -27.54
CA TYR A 520 9.43 39.65 -26.38
C TYR A 520 9.23 41.14 -26.57
N LEU A 521 8.73 41.54 -27.73
CA LEU A 521 8.28 42.91 -27.92
C LEU A 521 6.83 43.04 -27.46
N ILE A 522 6.52 44.13 -26.77
CA ILE A 522 5.16 44.36 -26.31
C ILE A 522 4.69 45.73 -26.76
N ILE A 523 3.48 45.79 -27.28
CA ILE A 523 2.96 47.01 -27.87
C ILE A 523 1.57 47.33 -27.31
N SER A 524 1.31 48.60 -27.04
CA SER A 524 -0.01 49.02 -26.58
C SER A 524 -1.01 48.80 -27.69
N ASP A 525 -2.28 48.65 -27.32
CA ASP A 525 -3.32 48.51 -28.33
C ASP A 525 -3.50 49.85 -29.03
N GLU A 526 -3.38 50.92 -28.27
CA GLU A 526 -3.47 52.27 -28.81
C GLU A 526 -2.49 52.46 -29.98
N LEU A 527 -1.22 52.13 -29.75
CA LEU A 527 -0.20 52.36 -30.74
C LEU A 527 -0.32 51.39 -31.90
N LEU A 528 -0.74 50.17 -31.61
CA LEU A 528 -1.05 49.20 -32.65
C LEU A 528 -2.02 49.81 -33.65
N LYS A 529 -3.11 50.35 -33.13
CA LYS A 529 -4.14 50.86 -34.01
C LYS A 529 -3.51 51.98 -34.82
N LYS A 530 -2.86 52.91 -34.14
CA LYS A 530 -2.23 54.06 -34.79
C LYS A 530 -1.33 53.65 -35.96
N TYR A 531 -0.58 52.56 -35.81
CA TYR A 531 0.31 52.08 -36.87
C TYR A 531 -0.52 51.52 -38.01
N ILE A 532 -1.55 50.78 -37.66
CA ILE A 532 -2.35 50.11 -38.65
C ILE A 532 -2.93 51.15 -39.59
N ASN A 533 -3.59 52.16 -39.03
CA ASN A 533 -4.15 53.26 -39.80
C ASN A 533 -3.08 53.94 -40.65
N GLU A 534 -1.89 54.09 -40.09
CA GLU A 534 -0.75 54.68 -40.80
C GLU A 534 -0.31 53.82 -41.97
N LEU A 535 -0.41 52.52 -41.81
CA LEU A 535 -0.06 51.59 -42.88
C LEU A 535 -1.13 51.64 -43.97
N LYS A 536 -2.36 51.91 -43.56
CA LYS A 536 -3.49 51.90 -44.46
C LYS A 536 -3.41 53.07 -45.43
N GLU A 537 -2.75 54.14 -45.03
CA GLU A 537 -2.59 55.32 -45.87
C GLU A 537 -1.77 55.05 -47.12
N LEU A 538 -1.18 53.85 -47.22
CA LEU A 538 -0.43 53.46 -48.41
C LEU A 538 -1.32 52.80 -49.46
N GLY A 539 -2.62 52.73 -49.19
CA GLY A 539 -3.54 51.97 -50.03
C GLY A 539 -3.38 50.50 -49.72
N LYS A 540 -3.90 49.63 -50.57
CA LYS A 540 -3.68 48.21 -50.34
C LYS A 540 -2.38 47.74 -51.01
N THR A 541 -1.74 48.65 -51.76
CA THR A 541 -0.37 48.43 -52.25
C THR A 541 0.55 48.62 -51.07
N PHE A 542 1.41 47.63 -50.79
CA PHE A 542 1.99 47.64 -49.45
C PHE A 542 3.26 46.78 -49.25
N ASN A 543 4.38 47.30 -49.72
CA ASN A 543 5.68 46.62 -49.63
C ASN A 543 6.37 46.79 -48.29
N VAL A 544 7.40 45.98 -48.04
CA VAL A 544 8.12 45.98 -46.77
C VAL A 544 8.70 47.35 -46.46
N GLN A 545 9.48 47.85 -47.42
CA GLN A 545 10.20 49.10 -47.26
C GLN A 545 9.21 50.26 -47.10
N GLN A 546 8.10 50.20 -47.81
CA GLN A 546 7.09 51.26 -47.77
C GLN A 546 6.50 51.46 -46.37
N ALA A 547 6.57 50.41 -45.54
CA ALA A 547 6.06 50.47 -44.18
C ALA A 547 7.12 51.08 -43.24
N LYS A 548 8.37 50.71 -43.45
CA LYS A 548 9.52 51.23 -42.71
C LYS A 548 9.60 52.75 -42.84
N ASN A 549 9.22 53.26 -44.01
CA ASN A 549 9.21 54.70 -44.22
C ASN A 549 7.98 55.34 -43.61
N LYS A 550 6.85 54.65 -43.68
CA LYS A 550 5.61 55.21 -43.15
C LYS A 550 5.65 55.26 -41.62
N LEU A 551 6.19 54.20 -41.01
CA LEU A 551 6.12 54.01 -39.56
C LEU A 551 7.38 54.44 -38.82
N GLY A 552 8.49 54.48 -39.55
CA GLY A 552 9.78 54.86 -38.97
C GLY A 552 10.44 53.76 -38.17
N LEU A 553 9.96 52.53 -38.30
CA LEU A 553 10.46 51.43 -37.50
C LEU A 553 11.64 50.74 -38.16
N THR A 554 12.55 50.26 -37.32
CA THR A 554 13.61 49.37 -37.75
C THR A 554 13.04 47.96 -37.92
N ARG A 555 13.64 47.15 -38.79
CA ARG A 555 13.13 45.81 -39.04
C ARG A 555 13.04 45.00 -37.78
N LYS A 556 13.77 45.42 -36.75
CA LYS A 556 13.74 44.70 -35.49
C LYS A 556 12.32 44.69 -34.92
N TYR A 557 11.58 45.75 -35.21
CA TYR A 557 10.23 45.94 -34.70
C TYR A 557 9.18 45.81 -35.78
N LEU A 558 9.53 46.18 -37.00
CA LEU A 558 8.61 46.13 -38.13
C LEU A 558 8.19 44.71 -38.43
N ILE A 559 9.16 43.87 -38.71
CA ILE A 559 8.88 42.49 -39.10
C ILE A 559 8.07 41.68 -38.09
N PRO A 560 8.32 41.86 -36.78
CA PRO A 560 7.43 41.09 -35.91
C PRO A 560 6.02 41.67 -35.91
N LEU A 561 5.93 42.97 -36.13
CA LEU A 561 4.66 43.69 -36.15
C LEU A 561 3.81 43.30 -37.36
N LEU A 562 4.39 43.37 -38.56
CA LEU A 562 3.69 42.92 -39.76
C LEU A 562 3.29 41.47 -39.57
N GLU A 563 4.22 40.67 -39.05
CA GLU A 563 3.96 39.28 -38.76
C GLU A 563 2.71 39.12 -37.90
N TYR A 564 2.47 40.10 -37.04
CA TYR A 564 1.28 40.10 -36.16
C TYR A 564 0.02 40.46 -36.94
N LEU A 565 0.12 41.52 -37.73
CA LEU A 565 -1.00 41.90 -38.60
C LEU A 565 -1.42 40.71 -39.44
N ASP A 566 -0.45 40.00 -40.01
CA ASP A 566 -0.72 38.74 -40.68
C ASP A 566 -1.47 37.79 -39.78
N TYR A 567 -1.07 37.72 -38.50
CA TYR A 567 -1.66 36.72 -37.62
C TYR A 567 -3.12 37.04 -37.33
N LEU A 568 -3.36 38.33 -37.11
CA LEU A 568 -4.70 38.81 -36.78
C LEU A 568 -5.64 38.56 -37.93
N GLY A 569 -5.10 38.63 -39.13
CA GLY A 569 -5.89 38.46 -40.32
C GLY A 569 -6.01 39.76 -41.06
N LEU A 570 -5.52 40.83 -40.46
CA LEU A 570 -5.59 42.15 -41.07
C LEU A 570 -4.90 42.21 -42.43
N THR A 571 -3.71 41.64 -42.52
CA THR A 571 -2.94 41.61 -43.77
C THR A 571 -2.63 40.18 -44.23
N VAL A 572 -2.47 40.02 -45.55
CA VAL A 572 -2.11 38.73 -46.11
C VAL A 572 -0.77 38.78 -46.82
N ARG A 573 0.25 38.17 -46.24
CA ARG A 573 1.58 38.12 -46.86
C ARG A 573 1.52 37.33 -48.15
N GLU A 574 1.18 38.00 -49.24
CA GLU A 574 1.18 37.34 -50.54
C GLU A 574 2.48 37.68 -51.27
N GLY A 575 3.56 37.05 -50.82
CA GLY A 575 4.86 37.21 -51.42
C GLY A 575 5.54 38.52 -51.05
N ASN A 576 5.77 39.34 -52.07
CA ASN A 576 6.47 40.61 -51.95
C ASN A 576 5.80 41.56 -50.95
N GLU A 577 4.51 41.74 -51.13
CA GLU A 577 3.77 42.77 -50.41
C GLU A 577 2.62 42.15 -49.61
N ARG A 578 1.85 42.99 -48.93
CA ARG A 578 0.69 42.56 -48.15
C ARG A 578 -0.54 43.36 -48.55
N ARG A 579 -1.72 42.82 -48.23
CA ARG A 579 -2.97 43.46 -48.60
C ARG A 579 -3.96 43.35 -47.46
N TRP A 580 -4.99 44.17 -47.50
CA TRP A 580 -5.94 44.19 -46.41
C TRP A 580 -7.11 43.26 -46.69
N LYS A 581 -7.27 42.30 -45.80
CA LYS A 581 -8.29 41.26 -45.90
C LYS A 581 -9.69 41.85 -45.86
N ARG A 582 -10.55 41.41 -46.77
CA ARG A 582 -11.93 41.84 -46.75
C ARG A 582 -12.54 41.45 -45.41
PG GNP B . 9.12 -32.67 20.01
O1G GNP B . 9.49 -31.99 18.71
O2G GNP B . 7.78 -32.21 20.45
O3G GNP B . 10.12 -32.32 21.10
N3B GNP B . 8.99 -34.28 19.76
PB GNP B . 7.82 -34.78 18.86
O1B GNP B . 6.54 -34.16 19.24
O2B GNP B . 8.25 -34.69 17.45
O3A GNP B . 7.47 -36.24 18.99
PA GNP B . 8.33 -37.32 18.36
O1A GNP B . 7.79 -37.75 17.05
O2A GNP B . 9.72 -36.81 18.52
O5' GNP B . 8.27 -38.63 19.23
C5' GNP B . 8.83 -38.70 20.56
C4' GNP B . 8.73 -40.16 20.98
O4' GNP B . 7.42 -40.68 20.50
C3' GNP B . 9.74 -40.99 20.20
O3' GNP B . 10.62 -41.67 21.10
C2' GNP B . 8.77 -41.94 19.43
O2' GNP B . 9.40 -43.23 19.10
C1' GNP B . 7.53 -42.05 20.31
N9 GNP B . 6.43 -42.57 19.52
C8 GNP B . 5.97 -41.79 18.50
N7 GNP B . 4.99 -42.34 17.78
C5 GNP B . 4.82 -43.57 18.36
C6 GNP B . 3.91 -44.57 17.99
O6 GNP B . 3.14 -44.41 17.04
N1 GNP B . 4.02 -45.69 18.80
C2 GNP B . 4.91 -45.78 19.84
N2 GNP B . 4.85 -46.93 20.51
N3 GNP B . 5.78 -44.81 20.19
C4 GNP B . 5.69 -43.74 19.41
MG MG C . 9.33 -33.10 16.93
S SO4 D . 5.40 -25.33 -13.05
O1 SO4 D . 4.87 -26.41 -12.20
O2 SO4 D . 6.83 -25.53 -13.26
O3 SO4 D . 4.71 -25.37 -14.35
O4 SO4 D . 5.14 -24.05 -12.41
S SO4 E . 16.79 48.49 -40.97
O1 SO4 E . 17.24 47.19 -40.50
O2 SO4 E . 17.47 49.54 -40.23
O3 SO4 E . 17.06 48.62 -42.40
O4 SO4 E . 15.35 48.63 -40.77
S SO4 F . -9.94 37.86 -48.60
O1 SO4 F . -8.90 36.83 -48.50
O2 SO4 F . -9.32 39.17 -48.84
O3 SO4 F . -10.82 37.55 -49.72
O4 SO4 F . -10.72 37.92 -47.38
N CYS G . 11.83 -29.23 1.89
CA CYS G . 13.16 -28.74 1.51
C CYS G . 13.59 -29.30 0.14
O CYS G . 13.25 -30.42 -0.25
CB CYS G . 14.20 -29.10 2.59
SG CYS G . 14.32 -28.01 4.08
OXT CYS G . 14.29 -28.62 -0.63
#